data_4R82
#
_entry.id   4R82
#
_cell.length_a   42.046
_cell.length_b   62.830
_cell.length_c   70.089
_cell.angle_alpha   90.00
_cell.angle_beta   92.06
_cell.angle_gamma   90.00
#
_symmetry.space_group_name_H-M   'P 1 21 1'
#
loop_
_entity.id
_entity.type
_entity.pdbx_description
1 polymer Oxidoreductase
2 non-polymer NICOTINAMIDE-ADENINE-DINUCLEOTIDE
3 non-polymer 'CALCIUM ION'
4 non-polymer 'CHLORIDE ION'
5 non-polymer 'ACETATE ION'
6 non-polymer 'MAGNESIUM ION'
7 non-polymer 'FLAVIN-ADENINE DINUCLEOTIDE'
8 water water
#
_entity_poly.entity_id   1
_entity_poly.type   'polypeptide(L)'
_entity_poly.pdbx_seq_one_letter_code
;SNA(MSE)SPIIAPPAELVDPKDRVQLRRVFGDFPTGVTVVTVGGSEPRG(MSE)TANSFTSVSLSPPLVLICVGKDAV
(MSE)HQRLTALPTFAVSVLEAGQEKAARHFADHSRPPGVDQFDTVDWVLGEESGAPLIAGAVAHLECAIHRLYEGGDHT
IFLGEVITATRWPAREG(MSE)LFSGGRFRRFAPDADEGRAA
;
_entity_poly.pdbx_strand_id   A,B
#
loop_
_chem_comp.id
_chem_comp.type
_chem_comp.name
_chem_comp.formula
ACT non-polymer 'ACETATE ION' 'C2 H3 O2 -1'
CA non-polymer 'CALCIUM ION' 'Ca 2'
CL non-polymer 'CHLORIDE ION' 'Cl -1'
FAD non-polymer 'FLAVIN-ADENINE DINUCLEOTIDE' 'C27 H33 N9 O15 P2'
MG non-polymer 'MAGNESIUM ION' 'Mg 2'
NAD non-polymer NICOTINAMIDE-ADENINE-DINUCLEOTIDE 'C21 H27 N7 O14 P2'
#
# COMPACT_ATOMS: atom_id res chain seq x y z
N PRO A 11 -0.32 1.36 26.39
CA PRO A 11 -1.68 0.94 26.72
C PRO A 11 -2.54 0.84 25.47
N ALA A 12 -2.95 -0.37 25.13
CA ALA A 12 -3.74 -0.62 23.93
C ALA A 12 -4.96 0.31 23.83
N GLU A 13 -5.25 0.76 22.62
CA GLU A 13 -6.40 1.61 22.35
C GLU A 13 -7.38 0.80 21.51
N LEU A 14 -8.60 0.64 21.98
CA LEU A 14 -9.62 -0.06 21.19
C LEU A 14 -10.21 0.91 20.18
N VAL A 15 -10.27 0.49 18.92
CA VAL A 15 -10.76 1.33 17.83
C VAL A 15 -12.20 1.00 17.46
N ASP A 16 -13.05 2.02 17.50
CA ASP A 16 -14.42 1.95 16.96
C ASP A 16 -14.34 2.32 15.48
N PRO A 17 -14.56 1.34 14.59
CA PRO A 17 -14.38 1.59 13.15
C PRO A 17 -15.30 2.68 12.62
N LYS A 18 -16.37 3.00 13.35
CA LYS A 18 -17.28 4.08 12.97
C LYS A 18 -16.72 5.45 13.34
N ASP A 19 -15.69 5.47 14.18
CA ASP A 19 -15.07 6.73 14.58
C ASP A 19 -13.94 7.00 13.60
N ARG A 20 -14.10 7.99 12.73
CA ARG A 20 -13.12 8.31 11.69
CA ARG A 20 -13.11 8.22 11.69
C ARG A 20 -11.79 8.80 12.22
N VAL A 21 -11.83 9.45 13.39
CA VAL A 21 -10.61 9.90 14.04
C VAL A 21 -9.78 8.67 14.44
N GLN A 22 -10.44 7.72 15.10
CA GLN A 22 -9.80 6.48 15.51
C GLN A 22 -9.37 5.61 14.34
N LEU A 23 -10.22 5.54 13.32
CA LEU A 23 -9.89 4.74 12.15
C LEU A 23 -8.66 5.30 11.46
N ARG A 24 -8.55 6.62 11.40
CA ARG A 24 -7.39 7.21 10.73
C ARG A 24 -6.14 6.95 11.56
N ARG A 25 -6.29 6.87 12.87
CA ARG A 25 -5.15 6.51 13.73
C ARG A 25 -4.63 5.13 13.40
N VAL A 26 -5.54 4.17 13.27
CA VAL A 26 -5.09 2.80 12.98
C VAL A 26 -4.62 2.63 11.54
N PHE A 27 -5.24 3.35 10.59
CA PHE A 27 -4.72 3.33 9.23
C PHE A 27 -3.29 3.85 9.20
N GLY A 28 -3.00 4.83 10.06
CA GLY A 28 -1.68 5.44 10.11
C GLY A 28 -0.63 4.54 10.71
N ASP A 29 -1.05 3.45 11.34
CA ASP A 29 -0.11 2.51 11.95
C ASP A 29 0.66 1.69 10.91
N PHE A 30 0.12 1.55 9.71
CA PHE A 30 0.84 0.88 8.64
C PHE A 30 1.62 1.92 7.83
N PRO A 31 2.97 1.84 7.89
CA PRO A 31 3.82 2.83 7.23
C PRO A 31 3.80 2.66 5.72
N THR A 32 3.91 3.75 4.98
CA THR A 32 4.00 3.67 3.53
C THR A 32 4.99 4.71 3.01
N GLY A 33 5.32 4.59 1.72
CA GLY A 33 5.93 5.69 1.01
C GLY A 33 4.88 6.72 0.63
N VAL A 34 5.28 7.67 -0.20
CA VAL A 34 4.37 8.71 -0.67
C VAL A 34 4.61 8.88 -2.16
N THR A 35 3.52 8.93 -2.93
CA THR A 35 3.65 9.18 -4.36
C THR A 35 2.90 10.44 -4.72
N VAL A 36 3.16 10.95 -5.92
CA VAL A 36 2.25 11.91 -6.54
C VAL A 36 1.72 11.22 -7.78
N VAL A 37 0.40 11.09 -7.86
CA VAL A 37 -0.24 10.59 -9.06
C VAL A 37 -0.52 11.75 -9.99
N THR A 38 -0.18 11.60 -11.27
CA THR A 38 -0.45 12.68 -12.22
C THR A 38 -1.18 12.19 -13.44
N VAL A 39 -1.88 13.12 -14.09
CA VAL A 39 -2.52 12.86 -15.37
C VAL A 39 -2.25 13.99 -16.32
N GLY A 40 -2.36 13.70 -17.62
CA GLY A 40 -2.25 14.70 -18.66
C GLY A 40 -3.63 15.18 -19.04
N GLY A 41 -3.92 15.20 -20.34
CA GLY A 41 -5.21 15.70 -20.79
C GLY A 41 -5.20 17.21 -20.92
N SER A 42 -6.37 17.79 -21.10
CA SER A 42 -6.49 19.22 -21.33
CA SER A 42 -6.50 19.23 -21.33
C SER A 42 -6.08 20.04 -20.10
N GLU A 43 -6.24 19.45 -18.92
CA GLU A 43 -5.83 20.13 -17.69
C GLU A 43 -5.10 19.17 -16.78
N PRO A 44 -3.79 19.02 -16.98
CA PRO A 44 -3.00 18.09 -16.18
C PRO A 44 -3.10 18.42 -14.71
N ARG A 45 -3.05 17.37 -13.89
CA ARG A 45 -3.29 17.51 -12.47
C ARG A 45 -2.42 16.51 -11.74
N GLY A 46 -2.05 16.83 -10.50
CA GLY A 46 -1.36 15.90 -9.65
C GLY A 46 -2.07 15.78 -8.31
N MSE A 47 -1.89 14.67 -7.62
CA MSE A 47 -2.47 14.46 -6.30
C MSE A 47 -1.57 13.56 -5.48
O MSE A 47 -1.14 12.52 -5.95
CB MSE A 47 -3.87 13.82 -6.39
CG MSE A 47 -4.61 13.76 -5.01
SE MSE A 47 -6.18 12.57 -5.01
CE MSE A 47 -5.21 10.89 -4.87
N THR A 48 -1.27 13.98 -4.26
CA THR A 48 -0.45 13.16 -3.38
C THR A 48 -1.24 11.91 -2.96
N ALA A 49 -0.58 10.76 -3.04
CA ALA A 49 -1.26 9.49 -2.76
C ALA A 49 -0.36 8.49 -2.07
N ASN A 50 -0.84 7.90 -0.98
CA ASN A 50 -0.10 6.82 -0.34
C ASN A 50 -0.78 5.45 -0.48
N SER A 51 -1.93 5.42 -1.15
CA SER A 51 -2.68 4.18 -1.34
C SER A 51 -2.10 3.33 -2.48
N PHE A 52 -1.01 3.79 -3.08
CA PHE A 52 -0.35 3.04 -4.14
C PHE A 52 0.06 1.67 -3.65
N THR A 53 -0.26 0.64 -4.44
CA THR A 53 0.06 -0.73 -4.06
C THR A 53 0.48 -1.49 -5.31
N SER A 54 1.60 -2.21 -5.27
CA SER A 54 1.91 -3.06 -6.40
C SER A 54 1.15 -4.37 -6.26
N VAL A 55 0.56 -4.83 -7.36
CA VAL A 55 -0.43 -5.89 -7.32
C VAL A 55 0.04 -7.20 -7.95
N SER A 56 0.54 -7.12 -9.18
CA SER A 56 0.73 -8.32 -9.97
C SER A 56 1.99 -8.18 -10.80
N LEU A 57 2.68 -9.31 -11.04
CA LEU A 57 3.84 -9.32 -11.94
C LEU A 57 3.45 -9.60 -13.40
N SER A 58 2.53 -10.54 -13.60
CA SER A 58 2.06 -10.86 -14.95
CA SER A 58 2.07 -10.89 -14.94
C SER A 58 0.54 -11.00 -14.98
N PRO A 59 -0.15 -9.99 -15.55
CA PRO A 59 0.36 -8.73 -16.12
C PRO A 59 0.92 -7.82 -15.05
N PRO A 60 1.77 -6.86 -15.44
CA PRO A 60 2.35 -5.97 -14.43
C PRO A 60 1.33 -4.94 -14.00
N LEU A 61 0.80 -5.10 -12.79
CA LEU A 61 -0.30 -4.26 -12.32
C LEU A 61 -0.01 -3.55 -11.00
N VAL A 62 -0.52 -2.33 -10.88
CA VAL A 62 -0.51 -1.58 -9.61
C VAL A 62 -1.89 -1.02 -9.39
N LEU A 63 -2.16 -0.55 -8.18
CA LEU A 63 -3.44 0.12 -7.94
C LEU A 63 -3.24 1.38 -7.13
N ILE A 64 -4.20 2.29 -7.25
CA ILE A 64 -4.32 3.42 -6.34
C ILE A 64 -5.77 3.54 -5.91
N CYS A 65 -5.99 4.15 -4.75
CA CYS A 65 -7.35 4.38 -4.25
C CYS A 65 -7.53 5.87 -4.18
N VAL A 66 -8.59 6.38 -4.80
CA VAL A 66 -8.79 7.82 -4.92
C VAL A 66 -10.19 8.18 -4.45
N GLY A 67 -10.26 9.15 -3.53
CA GLY A 67 -11.53 9.58 -3.00
C GLY A 67 -12.49 10.05 -4.08
N LYS A 68 -13.76 9.68 -3.93
CA LYS A 68 -14.76 10.01 -4.95
C LYS A 68 -14.95 11.50 -5.17
N ASP A 69 -14.67 12.32 -4.15
CA ASP A 69 -14.85 13.77 -4.26
C ASP A 69 -13.59 14.54 -4.69
N ALA A 70 -12.50 13.83 -4.98
CA ALA A 70 -11.31 14.49 -5.49
C ALA A 70 -11.49 14.83 -6.97
N VAL A 71 -10.96 15.98 -7.41
CA VAL A 71 -10.93 16.30 -8.83
C VAL A 71 -10.17 15.23 -9.60
N MSE A 72 -9.11 14.72 -9.00
CA MSE A 72 -8.33 13.66 -9.64
C MSE A 72 -9.23 12.46 -9.99
O MSE A 72 -9.00 11.76 -10.98
CB MSE A 72 -7.17 13.22 -8.76
CG MSE A 72 -6.40 12.02 -9.30
SE MSE A 72 -5.58 12.39 -11.03
CE MSE A 72 -4.34 13.70 -10.38
N HIS A 73 -10.23 12.22 -9.16
CA HIS A 73 -11.14 11.12 -9.44
C HIS A 73 -11.84 11.35 -10.79
N GLN A 74 -12.30 12.58 -11.05
CA GLN A 74 -12.98 12.85 -12.32
C GLN A 74 -12.02 12.69 -13.51
N ARG A 75 -10.77 13.08 -13.31
CA ARG A 75 -9.76 12.94 -14.37
C ARG A 75 -9.47 11.49 -14.70
N LEU A 76 -9.20 10.70 -13.68
CA LEU A 76 -8.88 9.29 -13.85
C LEU A 76 -10.02 8.52 -14.49
N THR A 77 -11.25 8.90 -14.19
CA THR A 77 -12.38 8.22 -14.82
C THR A 77 -12.47 8.57 -16.30
N ALA A 78 -11.96 9.74 -16.67
CA ALA A 78 -12.07 10.21 -18.06
C ALA A 78 -10.86 9.87 -18.93
N LEU A 79 -9.71 9.63 -18.32
CA LEU A 79 -8.46 9.48 -19.08
C LEU A 79 -7.96 8.03 -19.09
N PRO A 80 -7.23 7.66 -20.16
CA PRO A 80 -6.86 6.24 -20.28
C PRO A 80 -5.58 5.86 -19.53
N THR A 81 -4.80 6.84 -19.08
CA THR A 81 -3.51 6.54 -18.46
C THR A 81 -3.24 7.50 -17.32
N PHE A 82 -2.37 7.08 -16.40
CA PHE A 82 -1.93 7.97 -15.33
C PHE A 82 -0.48 7.67 -15.03
N ALA A 83 0.16 8.54 -14.26
CA ALA A 83 1.53 8.27 -13.88
C ALA A 83 1.68 8.32 -12.37
N VAL A 84 2.66 7.57 -11.88
CA VAL A 84 2.97 7.58 -10.46
C VAL A 84 4.42 7.99 -10.27
N SER A 85 4.66 9.00 -9.42
CA SER A 85 6.01 9.39 -9.08
C SER A 85 6.22 9.06 -7.62
N VAL A 86 7.11 8.12 -7.34
CA VAL A 86 7.41 7.75 -5.97
C VAL A 86 8.37 8.77 -5.40
N LEU A 87 7.95 9.48 -4.36
CA LEU A 87 8.73 10.60 -3.88
C LEU A 87 9.94 10.17 -3.06
N GLU A 88 11.05 10.87 -3.30
CA GLU A 88 12.31 10.65 -2.64
C GLU A 88 12.32 11.31 -1.26
N ALA A 89 13.26 10.88 -0.40
CA ALA A 89 13.34 11.30 0.99
C ALA A 89 13.25 12.81 1.23
N GLY A 90 13.79 13.61 0.33
CA GLY A 90 13.80 15.06 0.54
C GLY A 90 12.68 15.86 -0.15
N GLN A 91 11.60 15.17 -0.54
CA GLN A 91 10.55 15.82 -1.31
C GLN A 91 9.27 16.08 -0.53
N GLU A 92 9.40 16.38 0.75
CA GLU A 92 8.23 16.72 1.56
C GLU A 92 7.47 17.92 1.01
N LYS A 93 8.19 18.88 0.43
CA LYS A 93 7.54 20.09 -0.11
C LYS A 93 6.60 19.71 -1.24
N ALA A 94 7.07 18.83 -2.11
CA ALA A 94 6.23 18.34 -3.21
C ALA A 94 5.03 17.56 -2.69
N ALA A 95 5.22 16.77 -1.65
CA ALA A 95 4.13 15.98 -1.08
C ALA A 95 3.05 16.90 -0.54
N ARG A 96 3.46 17.94 0.18
CA ARG A 96 2.50 18.89 0.72
C ARG A 96 1.78 19.67 -0.39
N HIS A 97 2.54 20.04 -1.42
CA HIS A 97 1.98 20.86 -2.49
C HIS A 97 0.86 20.14 -3.22
N PHE A 98 1.09 18.86 -3.54
CA PHE A 98 0.09 18.09 -4.28
C PHE A 98 -1.00 17.50 -3.41
N ALA A 99 -0.94 17.79 -2.11
CA ALA A 99 -2.03 17.45 -1.20
C ALA A 99 -2.92 18.65 -0.91
N ASP A 100 -2.49 19.83 -1.36
CA ASP A 100 -3.24 21.06 -1.12
C ASP A 100 -4.52 21.05 -1.93
N HIS A 101 -5.64 21.34 -1.30
CA HIS A 101 -6.92 21.34 -2.01
C HIS A 101 -7.04 22.54 -2.94
N SER A 102 -6.38 23.64 -2.58
CA SER A 102 -6.42 24.89 -3.35
C SER A 102 -6.13 24.69 -4.84
N VAL A 107 -3.35 29.74 -12.10
CA VAL A 107 -2.44 28.96 -11.27
C VAL A 107 -2.11 27.59 -11.86
N ASP A 108 -0.90 27.45 -12.39
CA ASP A 108 -0.40 26.15 -12.83
C ASP A 108 0.01 25.38 -11.58
N GLN A 109 -0.59 24.22 -11.36
CA GLN A 109 -0.27 23.38 -10.20
C GLN A 109 1.20 22.92 -10.26
N PHE A 110 1.77 22.92 -11.46
CA PHE A 110 3.10 22.34 -11.68
C PHE A 110 4.25 23.35 -11.82
N ASP A 111 3.98 24.64 -11.64
CA ASP A 111 5.05 25.63 -11.79
C ASP A 111 5.95 25.78 -10.55
N THR A 112 5.61 25.04 -9.50
CA THR A 112 6.38 25.04 -8.25
C THR A 112 7.44 23.93 -8.29
N VAL A 113 7.16 22.91 -9.09
CA VAL A 113 7.97 21.71 -9.10
C VAL A 113 8.68 21.54 -10.45
N ASP A 114 9.82 20.86 -10.45
CA ASP A 114 10.46 20.45 -11.68
C ASP A 114 9.79 19.17 -12.14
N TRP A 115 9.50 19.08 -13.44
CA TRP A 115 8.86 17.87 -13.97
C TRP A 115 9.33 17.61 -15.40
N VAL A 116 9.15 16.36 -15.83
CA VAL A 116 9.44 15.99 -17.21
C VAL A 116 8.20 15.31 -17.77
N LEU A 117 7.96 15.49 -19.06
CA LEU A 117 6.77 14.93 -19.69
C LEU A 117 6.84 13.41 -19.83
N GLY A 118 5.82 12.72 -19.35
CA GLY A 118 5.71 11.28 -19.56
C GLY A 118 5.31 10.98 -20.98
N GLU A 119 6.16 10.22 -21.69
CA GLU A 119 5.94 9.95 -23.10
C GLU A 119 4.73 9.07 -23.38
N GLU A 120 4.36 8.20 -22.44
CA GLU A 120 3.23 7.28 -22.65
C GLU A 120 1.92 7.79 -22.07
N SER A 121 2.02 8.54 -20.98
CA SER A 121 0.84 9.01 -20.26
C SER A 121 0.48 10.43 -20.60
N GLY A 122 1.44 11.18 -21.13
CA GLY A 122 1.24 12.61 -21.35
C GLY A 122 1.16 13.37 -20.03
N ALA A 123 1.52 12.69 -18.95
CA ALA A 123 1.44 13.28 -17.61
C ALA A 123 2.79 13.81 -17.17
N PRO A 124 2.79 14.93 -16.44
CA PRO A 124 4.04 15.40 -15.84
C PRO A 124 4.59 14.40 -14.84
N LEU A 125 5.87 14.08 -14.93
CA LEU A 125 6.48 13.15 -13.99
C LEU A 125 7.35 13.99 -13.06
N ILE A 126 7.27 13.78 -11.75
CA ILE A 126 7.94 14.67 -10.82
C ILE A 126 9.46 14.41 -10.78
N ALA A 127 10.24 15.45 -11.07
CA ALA A 127 11.69 15.30 -11.09
C ALA A 127 12.18 15.02 -9.68
N GLY A 128 13.27 14.26 -9.56
CA GLY A 128 13.82 13.95 -8.25
C GLY A 128 13.22 12.72 -7.59
N ALA A 129 12.23 12.11 -8.24
CA ALA A 129 11.54 10.95 -7.70
C ALA A 129 12.42 9.69 -7.69
N VAL A 130 12.09 8.75 -6.82
CA VAL A 130 12.80 7.47 -6.79
C VAL A 130 12.49 6.70 -8.07
N ALA A 131 11.25 6.82 -8.51
CA ALA A 131 10.81 6.10 -9.71
C ALA A 131 9.62 6.76 -10.34
N HIS A 132 9.47 6.53 -11.64
CA HIS A 132 8.27 6.95 -12.39
C HIS A 132 7.64 5.69 -12.99
N LEU A 133 6.32 5.57 -12.87
CA LEU A 133 5.61 4.48 -13.54
C LEU A 133 4.51 5.11 -14.36
N GLU A 134 4.40 4.72 -15.62
CA GLU A 134 3.28 5.17 -16.43
C GLU A 134 2.37 3.98 -16.68
N CYS A 135 1.08 4.17 -16.42
CA CYS A 135 0.16 3.04 -16.34
C CYS A 135 -1.07 3.27 -17.18
N ALA A 136 -1.59 2.19 -17.77
CA ALA A 136 -2.84 2.26 -18.49
C ALA A 136 -3.95 1.80 -17.57
N ILE A 137 -5.05 2.55 -17.50
CA ILE A 137 -6.14 2.16 -16.63
C ILE A 137 -6.79 0.89 -17.19
N HIS A 138 -6.88 -0.12 -16.32
CA HIS A 138 -7.41 -1.41 -16.74
CA HIS A 138 -7.35 -1.46 -16.67
C HIS A 138 -8.76 -1.69 -16.13
N ARG A 139 -8.93 -1.41 -14.84
CA ARG A 139 -10.22 -1.61 -14.18
CA ARG A 139 -10.22 -1.60 -14.19
C ARG A 139 -10.49 -0.49 -13.19
N LEU A 140 -11.77 -0.21 -12.98
CA LEU A 140 -12.23 0.63 -11.88
C LEU A 140 -13.08 -0.27 -10.98
N TYR A 141 -12.72 -0.33 -9.70
CA TYR A 141 -13.45 -1.18 -8.75
C TYR A 141 -14.01 -0.30 -7.63
N GLU A 142 -15.20 -0.64 -7.15
CA GLU A 142 -15.76 0.07 -6.01
C GLU A 142 -14.92 -0.13 -4.75
N GLY A 143 -14.65 0.97 -4.05
CA GLY A 143 -13.89 0.91 -2.81
C GLY A 143 -14.49 1.77 -1.72
N GLY A 144 -15.78 1.60 -1.46
CA GLY A 144 -16.44 2.41 -0.45
C GLY A 144 -16.47 3.86 -0.89
N ASP A 145 -15.86 4.74 -0.11
CA ASP A 145 -15.86 6.17 -0.46
C ASP A 145 -14.71 6.53 -1.40
N HIS A 146 -13.99 5.50 -1.85
CA HIS A 146 -12.92 5.66 -2.84
C HIS A 146 -13.25 4.77 -4.01
N THR A 147 -12.58 5.05 -5.13
CA THR A 147 -12.56 4.13 -6.25
C THR A 147 -11.15 3.57 -6.36
N ILE A 148 -11.06 2.27 -6.61
CA ILE A 148 -9.79 1.59 -6.78
C ILE A 148 -9.49 1.56 -8.26
N PHE A 149 -8.39 2.19 -8.67
CA PHE A 149 -8.00 2.21 -10.08
C PHE A 149 -6.85 1.24 -10.27
N LEU A 150 -7.09 0.21 -11.07
CA LEU A 150 -6.07 -0.80 -11.35
C LEU A 150 -5.45 -0.45 -12.68
N GLY A 151 -4.13 -0.25 -12.69
CA GLY A 151 -3.45 0.12 -13.91
C GLY A 151 -2.39 -0.89 -14.30
N GLU A 152 -2.20 -1.05 -15.61
CA GLU A 152 -1.12 -1.90 -16.10
C GLU A 152 0.10 -1.02 -16.38
N VAL A 153 1.26 -1.43 -15.87
CA VAL A 153 2.48 -0.66 -16.02
C VAL A 153 2.96 -0.76 -17.46
N ILE A 154 3.03 0.39 -18.15
CA ILE A 154 3.45 0.44 -19.55
CA ILE A 154 3.45 0.43 -19.56
C ILE A 154 4.95 0.66 -19.62
N THR A 155 5.45 1.55 -18.78
CA THR A 155 6.87 1.76 -18.72
C THR A 155 7.20 2.27 -17.33
N ALA A 156 8.46 2.12 -16.93
CA ALA A 156 8.88 2.67 -15.66
C ALA A 156 10.36 3.02 -15.75
N THR A 157 10.78 3.98 -14.93
CA THR A 157 12.19 4.37 -14.87
C THR A 157 12.50 4.55 -13.41
N ARG A 158 13.72 4.18 -13.00
CA ARG A 158 14.08 4.35 -11.59
C ARG A 158 15.49 4.91 -11.44
N TRP A 159 15.74 5.53 -10.30
CA TRP A 159 17.03 6.12 -9.96
C TRP A 159 17.52 5.41 -8.73
N PRO A 160 18.37 4.40 -8.92
CA PRO A 160 18.76 3.52 -7.81
C PRO A 160 19.41 4.22 -6.62
N ALA A 161 20.03 5.38 -6.83
CA ALA A 161 20.72 6.05 -5.74
C ALA A 161 19.73 6.68 -4.76
N ARG A 162 18.50 6.87 -5.22
CA ARG A 162 17.47 7.54 -4.41
C ARG A 162 16.68 6.58 -3.54
N GLU A 163 16.17 7.11 -2.42
CA GLU A 163 15.40 6.31 -1.48
C GLU A 163 14.13 7.07 -1.13
N GLY A 164 13.01 6.36 -0.96
CA GLY A 164 11.72 7.01 -0.75
C GLY A 164 11.50 7.70 0.60
N MSE A 165 10.65 8.72 0.59
CA MSE A 165 10.21 9.30 1.86
C MSE A 165 9.18 8.37 2.47
O MSE A 165 8.66 7.47 1.79
CB MSE A 165 9.66 10.71 1.65
CG MSE A 165 8.49 10.83 0.70
SE MSE A 165 7.82 12.68 0.58
CE MSE A 165 7.49 13.00 2.45
N LEU A 166 8.86 8.59 3.74
CA LEU A 166 7.93 7.75 4.49
C LEU A 166 6.80 8.59 5.08
N PHE A 167 5.66 7.93 5.28
CA PHE A 167 4.49 8.54 5.91
C PHE A 167 3.97 7.49 6.90
N SER A 168 3.92 7.86 8.17
CA SER A 168 3.50 6.93 9.19
C SER A 168 3.00 7.70 10.39
N GLY A 169 1.90 7.24 10.99
CA GLY A 169 1.36 7.92 12.15
C GLY A 169 0.93 9.34 11.83
N GLY A 170 0.60 9.57 10.56
CA GLY A 170 0.15 10.88 10.12
C GLY A 170 1.27 11.89 9.95
N ARG A 171 2.51 11.40 9.96
CA ARG A 171 3.68 12.29 9.88
C ARG A 171 4.62 11.83 8.80
N PHE A 172 5.39 12.76 8.24
CA PHE A 172 6.45 12.36 7.31
C PHE A 172 7.65 11.91 8.14
N ARG A 173 8.30 10.84 7.69
CA ARG A 173 9.40 10.24 8.46
C ARG A 173 10.52 9.89 7.49
N ARG A 174 11.67 9.50 8.04
CA ARG A 174 12.85 9.13 7.27
C ARG A 174 13.35 7.74 7.67
N PHE A 175 14.04 7.06 6.76
CA PHE A 175 14.73 5.80 7.07
C PHE A 175 15.98 6.05 7.91
N ALA A 176 16.30 5.09 8.79
CA ALA A 176 17.64 4.97 9.30
C ALA A 176 18.43 4.28 8.20
N PRO A 177 19.69 4.71 7.97
CA PRO A 177 20.52 4.04 6.96
C PRO A 177 20.61 2.53 7.25
N ASP A 178 20.71 1.71 6.20
CA ASP A 178 20.71 0.27 6.38
C ASP A 178 21.91 -0.19 7.20
N ALA A 179 21.63 -0.81 8.35
CA ALA A 179 22.67 -1.28 9.27
C ALA A 179 23.36 -2.57 8.80
N ASP A 180 22.91 -3.08 7.66
CA ASP A 180 23.58 -4.20 7.01
C ASP A 180 24.06 -3.79 5.61
N ALA B 12 19.72 6.98 -14.94
CA ALA B 12 18.44 6.32 -14.66
C ALA B 12 18.39 4.92 -15.25
N GLU B 13 17.66 4.02 -14.60
CA GLU B 13 17.51 2.65 -15.10
C GLU B 13 16.13 2.53 -15.75
N LEU B 14 16.10 2.16 -17.03
CA LEU B 14 14.83 1.95 -17.71
C LEU B 14 14.35 0.55 -17.40
N VAL B 15 13.09 0.42 -16.99
CA VAL B 15 12.53 -0.86 -16.58
C VAL B 15 11.65 -1.45 -17.67
N ASP B 16 11.96 -2.69 -18.08
CA ASP B 16 11.10 -3.45 -19.00
C ASP B 16 10.07 -4.14 -18.12
N PRO B 17 8.79 -3.77 -18.25
CA PRO B 17 7.78 -4.31 -17.33
C PRO B 17 7.58 -5.81 -17.51
N LYS B 18 8.04 -6.38 -18.62
CA LYS B 18 7.97 -7.83 -18.85
C LYS B 18 9.11 -8.56 -18.15
N ASP B 19 10.09 -7.81 -17.66
CA ASP B 19 11.22 -8.43 -16.96
C ASP B 19 10.85 -8.39 -15.50
N ARG B 20 10.60 -9.55 -14.92
CA ARG B 20 10.09 -9.56 -13.55
CA ARG B 20 10.12 -9.65 -13.52
C ARG B 20 11.16 -9.21 -12.51
N VAL B 21 12.43 -9.38 -12.86
CA VAL B 21 13.50 -8.94 -11.97
C VAL B 21 13.50 -7.42 -11.90
N GLN B 22 13.47 -6.78 -13.06
CA GLN B 22 13.38 -5.32 -13.09
C GLN B 22 12.11 -4.79 -12.46
N LEU B 23 10.99 -5.47 -12.72
CA LEU B 23 9.72 -5.03 -12.18
C LEU B 23 9.73 -5.11 -10.65
N ARG B 24 10.30 -6.17 -10.11
CA ARG B 24 10.41 -6.25 -8.66
C ARG B 24 11.30 -5.15 -8.10
N ARG B 25 12.32 -4.76 -8.85
CA ARG B 25 13.16 -3.64 -8.41
C ARG B 25 12.33 -2.36 -8.27
N VAL B 26 11.51 -2.06 -9.26
CA VAL B 26 10.72 -0.83 -9.17
C VAL B 26 9.59 -0.93 -8.14
N PHE B 27 8.98 -2.12 -8.00
CA PHE B 27 7.96 -2.28 -6.95
C PHE B 27 8.60 -2.02 -5.58
N GLY B 28 9.85 -2.45 -5.41
CA GLY B 28 10.53 -2.31 -4.14
C GLY B 28 10.95 -0.88 -3.84
N ASP B 29 10.85 0.00 -4.84
CA ASP B 29 11.17 1.41 -4.63
C ASP B 29 10.12 2.15 -3.81
N PHE B 30 8.91 1.60 -3.69
CA PHE B 30 7.89 2.19 -2.83
C PHE B 30 7.92 1.50 -1.48
N PRO B 31 8.28 2.26 -0.43
CA PRO B 31 8.43 1.62 0.89
C PRO B 31 7.08 1.23 1.48
N THR B 32 7.03 0.16 2.26
CA THR B 32 5.80 -0.24 2.93
C THR B 32 6.13 -0.76 4.33
N GLY B 33 5.09 -0.91 5.15
CA GLY B 33 5.22 -1.72 6.35
C GLY B 33 5.07 -3.19 6.00
N VAL B 34 4.88 -4.01 7.01
CA VAL B 34 4.74 -5.45 6.81
C VAL B 34 3.66 -5.93 7.76
N THR B 35 2.76 -6.77 7.25
CA THR B 35 1.72 -7.35 8.09
C THR B 35 1.82 -8.85 8.06
N VAL B 36 1.15 -9.50 8.99
CA VAL B 36 0.85 -10.92 8.83
C VAL B 36 -0.65 -11.00 8.75
N VAL B 37 -1.15 -11.57 7.67
CA VAL B 37 -2.58 -11.81 7.51
C VAL B 37 -2.86 -13.20 8.06
N THR B 38 -3.85 -13.34 8.94
CA THR B 38 -4.19 -14.66 9.46
C THR B 38 -5.64 -15.01 9.26
N VAL B 39 -5.93 -16.32 9.22
CA VAL B 39 -7.27 -16.83 9.29
C VAL B 39 -7.36 -17.92 10.35
N GLY B 40 -8.58 -18.17 10.83
CA GLY B 40 -8.81 -19.24 11.79
C GLY B 40 -9.36 -20.47 11.09
N GLY B 41 -10.31 -21.12 11.73
CA GLY B 41 -10.86 -22.35 11.19
C GLY B 41 -10.15 -23.55 11.75
N SER B 42 -10.41 -24.73 11.16
CA SER B 42 -9.78 -25.97 11.60
C SER B 42 -8.26 -25.93 11.50
N GLU B 43 -7.77 -25.32 10.42
CA GLU B 43 -6.33 -25.17 10.23
C GLU B 43 -5.99 -23.69 10.11
N PRO B 44 -5.66 -23.05 11.24
CA PRO B 44 -5.30 -21.62 11.19
C PRO B 44 -4.04 -21.44 10.35
N ARG B 45 -3.94 -20.30 9.67
CA ARG B 45 -2.81 -20.07 8.78
C ARG B 45 -2.46 -18.60 8.83
N GLY B 46 -1.20 -18.29 8.59
CA GLY B 46 -0.75 -16.91 8.43
C GLY B 46 0.10 -16.76 7.19
N MSE B 47 0.19 -15.53 6.67
CA MSE B 47 1.04 -15.24 5.52
C MSE B 47 1.52 -13.80 5.67
O MSE B 47 0.74 -12.90 5.99
CB MSE B 47 0.29 -15.42 4.20
CG MSE B 47 1.15 -15.19 2.94
SE MSE B 47 0.11 -15.01 1.28
CE MSE B 47 -1.43 -14.14 2.05
N THR B 48 2.80 -13.58 5.41
CA THR B 48 3.33 -12.22 5.42
C THR B 48 2.83 -11.48 4.18
N ALA B 49 2.36 -10.25 4.37
CA ALA B 49 1.81 -9.45 3.28
C ALA B 49 2.19 -7.99 3.46
N ASN B 50 2.70 -7.37 2.41
CA ASN B 50 2.95 -5.93 2.41
C ASN B 50 1.99 -5.18 1.47
N SER B 51 1.09 -5.92 0.81
CA SER B 51 0.14 -5.28 -0.11
C SER B 51 -1.07 -4.73 0.62
N PHE B 52 -1.03 -4.76 1.95
CA PHE B 52 -2.08 -4.16 2.75
C PHE B 52 -2.21 -2.69 2.42
N THR B 53 -3.44 -2.23 2.23
CA THR B 53 -3.72 -0.85 1.87
C THR B 53 -5.02 -0.45 2.54
N SER B 54 -5.03 0.71 3.21
CA SER B 54 -6.30 1.19 3.72
C SER B 54 -7.02 1.95 2.61
N VAL B 55 -8.32 1.72 2.49
CA VAL B 55 -9.06 2.14 1.29
C VAL B 55 -10.08 3.23 1.58
N SER B 56 -10.95 2.96 2.55
CA SER B 56 -12.14 3.79 2.75
C SER B 56 -12.41 4.02 4.22
N LEU B 57 -12.98 5.19 4.53
CA LEU B 57 -13.42 5.47 5.90
C LEU B 57 -14.85 5.02 6.14
N SER B 58 -15.74 5.34 5.20
CA SER B 58 -17.12 4.93 5.34
CA SER B 58 -17.14 4.96 5.32
C SER B 58 -17.63 4.31 4.03
N PRO B 59 -17.82 2.97 4.03
CA PRO B 59 -17.56 2.03 5.13
C PRO B 59 -16.07 1.89 5.38
N PRO B 60 -15.68 1.38 6.56
CA PRO B 60 -14.25 1.25 6.86
C PRO B 60 -13.65 0.05 6.12
N LEU B 61 -12.87 0.31 5.06
CA LEU B 61 -12.38 -0.78 4.21
C LEU B 61 -10.87 -0.79 4.08
N VAL B 62 -10.32 -2.01 3.98
CA VAL B 62 -8.91 -2.21 3.67
C VAL B 62 -8.84 -3.27 2.58
N LEU B 63 -7.70 -3.39 1.92
CA LEU B 63 -7.52 -4.49 0.98
C LEU B 63 -6.17 -5.16 1.16
N ILE B 64 -6.08 -6.39 0.65
CA ILE B 64 -4.80 -7.08 0.55
C ILE B 64 -4.80 -7.77 -0.80
N CYS B 65 -3.61 -7.94 -1.36
CA CYS B 65 -3.47 -8.63 -2.63
C CYS B 65 -2.76 -9.95 -2.37
N VAL B 66 -3.38 -11.06 -2.78
CA VAL B 66 -2.86 -12.37 -2.45
C VAL B 66 -2.66 -13.21 -3.69
N GLY B 67 -1.46 -13.75 -3.87
CA GLY B 67 -1.16 -14.57 -5.03
C GLY B 67 -2.14 -15.72 -5.18
N LYS B 68 -2.57 -15.96 -6.42
CA LYS B 68 -3.56 -17.01 -6.71
C LYS B 68 -3.14 -18.41 -6.29
N ASP B 69 -1.84 -18.66 -6.23
CA ASP B 69 -1.33 -19.98 -5.89
C ASP B 69 -0.98 -20.13 -4.40
N ALA B 70 -1.11 -19.05 -3.64
CA ALA B 70 -0.86 -19.12 -2.20
C ALA B 70 -1.90 -20.03 -1.50
N VAL B 71 -1.49 -20.78 -0.49
CA VAL B 71 -2.47 -21.61 0.22
C VAL B 71 -3.49 -20.74 0.96
N MSE B 72 -3.07 -19.55 1.38
CA MSE B 72 -3.97 -18.61 2.03
C MSE B 72 -5.08 -18.17 1.07
O MSE B 72 -6.18 -17.86 1.49
CB MSE B 72 -3.18 -17.41 2.53
CG MSE B 72 -4.02 -16.21 2.92
SE MSE B 72 -4.86 -16.41 4.66
CE MSE B 72 -3.25 -16.74 5.66
N HIS B 73 -4.77 -18.12 -0.23
CA HIS B 73 -5.74 -17.69 -1.22
C HIS B 73 -7.04 -18.48 -1.13
N GLN B 74 -6.94 -19.80 -1.05
CA GLN B 74 -8.15 -20.64 -0.92
C GLN B 74 -8.90 -20.35 0.39
N ARG B 75 -8.16 -20.15 1.48
CA ARG B 75 -8.76 -19.80 2.78
C ARG B 75 -9.58 -18.52 2.67
N LEU B 76 -8.96 -17.50 2.09
CA LEU B 76 -9.58 -16.19 2.02
C LEU B 76 -10.82 -16.16 1.12
N THR B 77 -10.85 -17.00 0.10
CA THR B 77 -12.03 -17.07 -0.77
C THR B 77 -13.18 -17.81 -0.09
N ALA B 78 -12.87 -18.57 0.95
CA ALA B 78 -13.86 -19.44 1.58
C ALA B 78 -14.39 -18.93 2.92
N LEU B 79 -13.51 -18.32 3.71
CA LEU B 79 -13.83 -17.88 5.07
C LEU B 79 -14.42 -16.47 5.11
N PRO B 80 -15.26 -16.20 6.13
CA PRO B 80 -15.93 -14.90 6.17
C PRO B 80 -15.06 -13.79 6.75
N THR B 81 -14.01 -14.15 7.47
CA THR B 81 -13.22 -13.16 8.21
C THR B 81 -11.72 -13.43 8.14
N PHE B 82 -10.93 -12.38 8.33
CA PHE B 82 -9.49 -12.52 8.45
C PHE B 82 -8.97 -11.47 9.41
N ALA B 83 -7.72 -11.59 9.81
CA ALA B 83 -7.13 -10.59 10.67
C ALA B 83 -5.86 -10.09 10.03
N VAL B 84 -5.47 -8.88 10.39
CA VAL B 84 -4.23 -8.29 9.92
C VAL B 84 -3.46 -7.84 11.15
N SER B 85 -2.23 -8.31 11.30
CA SER B 85 -1.36 -7.84 12.38
C SER B 85 -0.26 -7.00 11.74
N VAL B 86 -0.24 -5.71 12.07
CA VAL B 86 0.79 -4.82 11.52
C VAL B 86 2.03 -5.00 12.36
N LEU B 87 3.11 -5.48 11.74
CA LEU B 87 4.29 -5.86 12.52
C LEU B 87 5.08 -4.66 13.01
N GLU B 88 5.56 -4.74 14.25
CA GLU B 88 6.33 -3.69 14.89
C GLU B 88 7.80 -3.79 14.49
N ALA B 89 8.53 -2.70 14.71
CA ALA B 89 9.90 -2.53 14.25
C ALA B 89 10.85 -3.70 14.50
N GLY B 90 10.66 -4.41 15.60
CA GLY B 90 11.60 -5.47 15.94
C GLY B 90 11.13 -6.87 15.55
N GLN B 91 10.10 -6.95 14.71
CA GLN B 91 9.46 -8.25 14.42
C GLN B 91 9.84 -8.91 13.08
N GLU B 92 11.09 -8.73 12.65
CA GLU B 92 11.58 -9.37 11.42
C GLU B 92 11.48 -10.89 11.47
N LYS B 93 11.68 -11.48 12.65
CA LYS B 93 11.62 -12.94 12.76
C LYS B 93 10.23 -13.47 12.37
N ALA B 94 9.19 -12.80 12.84
CA ALA B 94 7.83 -13.19 12.49
C ALA B 94 7.56 -12.95 11.00
N ALA B 95 8.04 -11.84 10.46
CA ALA B 95 7.87 -11.56 9.03
C ALA B 95 8.48 -12.68 8.19
N ARG B 96 9.69 -13.09 8.55
CA ARG B 96 10.35 -14.14 7.78
C ARG B 96 9.61 -15.47 7.94
N HIS B 97 9.16 -15.75 9.16
CA HIS B 97 8.51 -17.01 9.46
C HIS B 97 7.24 -17.23 8.64
N PHE B 98 6.39 -16.21 8.60
CA PHE B 98 5.12 -16.32 7.89
C PHE B 98 5.27 -16.11 6.37
N ALA B 99 6.51 -15.92 5.91
CA ALA B 99 6.78 -15.85 4.47
C ALA B 99 7.43 -17.13 3.95
N ASP B 100 7.80 -18.01 4.86
CA ASP B 100 8.44 -19.28 4.50
C ASP B 100 7.43 -20.20 3.81
N HIS B 101 7.85 -20.82 2.70
CA HIS B 101 6.93 -21.64 1.91
C HIS B 101 6.62 -22.97 2.59
N SER B 102 7.67 -23.61 3.10
CA SER B 102 7.53 -24.90 3.79
C SER B 102 7.79 -24.76 5.29
N VAL B 107 1.95 -29.52 10.99
CA VAL B 107 2.90 -28.40 10.96
C VAL B 107 2.29 -27.14 11.55
N ASP B 108 2.33 -27.01 12.88
CA ASP B 108 1.81 -25.81 13.54
C ASP B 108 2.66 -24.59 13.16
N GLN B 109 2.04 -23.68 12.41
CA GLN B 109 2.72 -22.49 11.91
C GLN B 109 2.93 -21.45 13.01
N PHE B 110 2.25 -21.63 14.15
CA PHE B 110 2.20 -20.59 15.17
C PHE B 110 2.99 -20.90 16.44
N ASP B 111 3.85 -21.92 16.38
CA ASP B 111 4.60 -22.36 17.56
C ASP B 111 5.95 -21.65 17.74
N THR B 112 6.20 -20.62 16.94
CA THR B 112 7.40 -19.81 17.06
C THR B 112 7.06 -18.38 17.42
N VAL B 113 5.77 -18.06 17.50
CA VAL B 113 5.37 -16.70 17.87
C VAL B 113 4.40 -16.67 19.04
N ASP B 114 4.41 -15.53 19.71
CA ASP B 114 3.45 -15.24 20.76
C ASP B 114 2.20 -14.74 20.06
N TRP B 115 1.07 -15.37 20.33
CA TRP B 115 -0.18 -14.96 19.67
C TRP B 115 -1.38 -15.14 20.58
N VAL B 116 -2.46 -14.44 20.23
CA VAL B 116 -3.71 -14.49 20.96
C VAL B 116 -4.85 -14.66 19.95
N LEU B 117 -5.82 -15.49 20.29
CA LEU B 117 -6.99 -15.66 19.44
C LEU B 117 -7.83 -14.38 19.40
N GLY B 118 -8.17 -13.91 18.20
CA GLY B 118 -9.09 -12.79 18.07
C GLY B 118 -10.53 -13.25 18.19
N GLU B 119 -11.27 -12.68 19.14
CA GLU B 119 -12.65 -13.10 19.38
C GLU B 119 -13.55 -12.86 18.18
N GLU B 120 -13.33 -11.75 17.49
CA GLU B 120 -14.23 -11.32 16.43
C GLU B 120 -13.96 -12.04 15.11
N SER B 121 -12.69 -12.33 14.83
CA SER B 121 -12.30 -12.96 13.59
C SER B 121 -12.12 -14.47 13.75
N GLY B 122 -11.83 -14.92 14.97
CA GLY B 122 -11.47 -16.30 15.21
C GLY B 122 -10.08 -16.66 14.69
N ALA B 123 -9.31 -15.64 14.34
CA ALA B 123 -7.96 -15.83 13.79
C ALA B 123 -6.90 -15.43 14.81
N PRO B 124 -5.72 -16.06 14.72
CA PRO B 124 -4.62 -15.67 15.61
C PRO B 124 -4.16 -14.24 15.37
N LEU B 125 -3.94 -13.49 16.43
CA LEU B 125 -3.41 -12.13 16.33
C LEU B 125 -2.00 -12.15 16.90
N ILE B 126 -1.06 -11.58 16.17
CA ILE B 126 0.34 -11.66 16.55
C ILE B 126 0.66 -10.68 17.68
N ALA B 127 1.17 -11.19 18.79
CA ALA B 127 1.50 -10.33 19.93
C ALA B 127 2.66 -9.41 19.60
N GLY B 128 2.67 -8.22 20.21
CA GLY B 128 3.77 -7.28 20.00
C GLY B 128 3.61 -6.40 18.78
N ALA B 129 2.51 -6.60 18.05
CA ALA B 129 2.19 -5.84 16.83
C ALA B 129 1.85 -4.38 17.11
N VAL B 130 1.95 -3.54 16.08
CA VAL B 130 1.53 -2.14 16.23
C VAL B 130 0.01 -2.07 16.33
N ALA B 131 -0.65 -2.93 15.56
CA ALA B 131 -2.10 -2.96 15.53
C ALA B 131 -2.62 -4.31 15.02
N HIS B 132 -3.84 -4.64 15.45
CA HIS B 132 -4.57 -5.77 14.92
C HIS B 132 -5.84 -5.21 14.30
N LEU B 133 -6.18 -5.66 13.09
CA LEU B 133 -7.45 -5.29 12.47
C LEU B 133 -8.17 -6.60 12.15
N GLU B 134 -9.40 -6.73 12.62
CA GLU B 134 -10.19 -7.92 12.33
C GLU B 134 -11.28 -7.54 11.32
N CYS B 135 -11.30 -8.25 10.19
CA CYS B 135 -12.06 -7.82 9.03
C CYS B 135 -13.01 -8.88 8.54
N ALA B 136 -14.04 -8.44 7.82
CA ALA B 136 -14.95 -9.33 7.14
C ALA B 136 -14.70 -9.19 5.65
N ILE B 137 -14.60 -10.31 4.94
CA ILE B 137 -14.38 -10.26 3.50
C ILE B 137 -15.59 -9.67 2.80
N HIS B 138 -15.36 -8.61 2.03
CA HIS B 138 -16.43 -7.81 1.43
C HIS B 138 -16.56 -8.10 -0.07
N ARG B 139 -15.44 -8.04 -0.78
CA ARG B 139 -15.39 -8.25 -2.23
C ARG B 139 -14.13 -9.00 -2.62
N LEU B 140 -14.21 -9.71 -3.75
CA LEU B 140 -13.05 -10.29 -4.40
C LEU B 140 -12.93 -9.65 -5.80
N TYR B 141 -11.78 -9.05 -6.08
CA TYR B 141 -11.57 -8.40 -7.39
C TYR B 141 -10.38 -9.01 -8.12
N GLU B 142 -10.49 -9.13 -9.43
CA GLU B 142 -9.38 -9.67 -10.22
C GLU B 142 -8.18 -8.74 -10.13
N GLY B 143 -6.99 -9.32 -9.94
CA GLY B 143 -5.78 -8.53 -9.80
C GLY B 143 -4.62 -9.18 -10.52
N GLY B 144 -4.85 -9.62 -11.75
CA GLY B 144 -3.79 -10.28 -12.50
C GLY B 144 -3.44 -11.63 -11.88
N ASP B 145 -2.17 -11.79 -11.50
CA ASP B 145 -1.76 -13.04 -10.87
C ASP B 145 -2.04 -13.06 -9.36
N HIS B 146 -2.69 -12.00 -8.88
CA HIS B 146 -3.21 -11.98 -7.52
C HIS B 146 -4.72 -11.77 -7.55
N THR B 147 -5.36 -12.04 -6.41
CA THR B 147 -6.72 -11.57 -6.14
C THR B 147 -6.67 -10.43 -5.14
N ILE B 148 -7.49 -9.41 -5.36
CA ILE B 148 -7.62 -8.29 -4.43
C ILE B 148 -8.78 -8.61 -3.51
N PHE B 149 -8.49 -8.76 -2.21
CA PHE B 149 -9.52 -9.02 -1.22
C PHE B 149 -9.82 -7.74 -0.49
N LEU B 150 -11.07 -7.29 -0.57
CA LEU B 150 -11.48 -6.06 0.09
C LEU B 150 -12.21 -6.47 1.37
N GLY B 151 -11.76 -5.95 2.50
CA GLY B 151 -12.32 -6.33 3.79
C GLY B 151 -12.87 -5.13 4.54
N GLU B 152 -13.97 -5.34 5.27
CA GLU B 152 -14.51 -4.29 6.13
C GLU B 152 -13.98 -4.49 7.54
N VAL B 153 -13.43 -3.43 8.12
CA VAL B 153 -12.90 -3.49 9.46
C VAL B 153 -14.04 -3.59 10.48
N ILE B 154 -14.05 -4.69 11.24
CA ILE B 154 -15.08 -4.91 12.25
C ILE B 154 -14.65 -4.35 13.61
N THR B 155 -13.40 -4.58 13.95
CA THR B 155 -12.82 -4.01 15.16
C THR B 155 -11.33 -3.93 14.97
N ALA B 156 -10.67 -3.12 15.78
CA ALA B 156 -9.22 -3.01 15.70
C ALA B 156 -8.71 -2.57 17.06
N THR B 157 -7.47 -2.92 17.35
CA THR B 157 -6.83 -2.46 18.58
C THR B 157 -5.45 -2.00 18.17
N ARG B 158 -4.95 -0.93 18.78
CA ARG B 158 -3.63 -0.42 18.41
C ARG B 158 -2.80 -0.06 19.64
N TRP B 159 -1.48 -0.04 19.46
CA TRP B 159 -0.54 0.29 20.52
C TRP B 159 0.21 1.54 20.06
N PRO B 160 -0.23 2.72 20.52
CA PRO B 160 0.27 4.01 20.00
C PRO B 160 1.79 4.18 20.10
N ALA B 161 2.39 3.64 21.16
CA ALA B 161 3.82 3.78 21.40
C ALA B 161 4.66 2.95 20.43
N ARG B 162 4.05 2.00 19.73
CA ARG B 162 4.82 1.18 18.80
C ARG B 162 4.93 1.80 17.41
N GLU B 163 5.98 1.42 16.68
CA GLU B 163 6.17 1.82 15.29
C GLU B 163 6.38 0.59 14.44
N GLY B 164 5.89 0.64 13.20
CA GLY B 164 5.99 -0.51 12.33
C GLY B 164 7.39 -0.78 11.81
N MSE B 165 7.63 -2.03 11.41
CA MSE B 165 8.82 -2.34 10.64
C MSE B 165 8.59 -1.90 9.21
O MSE B 165 7.46 -1.60 8.81
CB MSE B 165 9.16 -3.83 10.74
CG MSE B 165 8.13 -4.77 10.13
SE MSE B 165 8.72 -6.62 10.32
CE MSE B 165 10.42 -6.49 9.39
N LEU B 166 9.68 -1.83 8.44
CA LEU B 166 9.62 -1.31 7.08
C LEU B 166 10.21 -2.34 6.13
N PHE B 167 9.73 -2.33 4.89
CA PHE B 167 10.24 -3.21 3.83
C PHE B 167 10.45 -2.32 2.63
N SER B 168 11.67 -2.29 2.10
CA SER B 168 11.97 -1.39 1.00
C SER B 168 13.17 -1.94 0.27
N GLY B 169 13.15 -1.87 -1.06
CA GLY B 169 14.26 -2.40 -1.85
C GLY B 169 14.54 -3.86 -1.56
N GLY B 170 13.51 -4.60 -1.15
CA GLY B 170 13.63 -6.01 -0.85
C GLY B 170 14.32 -6.33 0.46
N ARG B 171 14.48 -5.31 1.32
CA ARG B 171 15.16 -5.50 2.60
C ARG B 171 14.29 -4.97 3.73
N PHE B 172 14.46 -5.52 4.92
CA PHE B 172 13.77 -4.94 6.07
C PHE B 172 14.57 -3.74 6.57
N ARG B 173 13.88 -2.70 6.99
CA ARG B 173 14.52 -1.45 7.36
C ARG B 173 13.85 -0.89 8.61
N ARG B 174 14.44 0.15 9.19
CA ARG B 174 13.77 0.79 10.32
C ARG B 174 13.77 2.31 10.21
N PHE B 175 12.94 2.94 11.02
CA PHE B 175 12.80 4.39 11.02
C PHE B 175 13.99 5.08 11.68
N ALA B 176 14.28 6.29 11.21
CA ALA B 176 15.11 7.23 11.95
C ALA B 176 14.19 7.89 12.94
N PRO B 177 14.69 8.22 14.14
CA PRO B 177 13.91 8.97 15.14
C PRO B 177 13.22 10.19 14.51
N ASP B 178 11.99 10.48 14.91
CA ASP B 178 11.25 11.60 14.35
C ASP B 178 11.97 12.89 14.74
N ALA B 179 12.42 13.63 13.72
CA ALA B 179 13.13 14.90 13.95
C ALA B 179 12.25 15.89 14.69
N ASP B 180 10.94 15.77 14.51
CA ASP B 180 9.98 16.68 15.13
C ASP B 180 9.08 15.95 16.12
PA NAD C . -3.94 11.53 8.80
O1A NAD C . -4.36 12.33 7.58
O2A NAD C . -2.79 12.23 9.50
O5B NAD C . -3.39 10.14 8.30
C5B NAD C . -3.56 8.94 8.96
C4B NAD C . -4.01 7.81 8.14
O4B NAD C . -5.34 8.04 7.78
C3B NAD C . -3.23 7.71 6.91
O3B NAD C . -3.07 6.36 6.60
C2B NAD C . -4.08 8.33 5.89
O2B NAD C . -3.79 7.87 4.61
C1B NAD C . -5.41 7.91 6.33
N9A NAD C . -6.50 8.76 5.83
C8A NAD C . -6.69 10.07 6.07
N7A NAD C . -7.80 10.50 5.45
C5A NAD C . -8.34 9.45 4.79
C6A NAD C . -9.47 9.27 3.99
N6A NAD C . -10.31 10.33 3.73
N1A NAD C . -9.72 8.06 3.49
C2A NAD C . -8.92 7.02 3.73
N3A NAD C . -7.84 7.14 4.50
C4A NAD C . -7.52 8.34 5.04
O3 NAD C . -5.15 11.39 9.80
PA NAD D . -3.01 16.44 6.58
O1A NAD D . -3.27 15.95 8.01
O2A NAD D . -3.54 17.85 6.41
O5B NAD D . -3.72 15.50 5.54
C5B NAD D . -4.32 16.12 4.46
C4B NAD D . -5.48 15.47 3.88
O4B NAD D . -5.05 14.27 3.32
C3B NAD D . -6.47 15.11 4.91
O3B NAD D . -7.63 15.78 4.56
C2B NAD D . -6.69 13.66 4.78
O2B NAD D . -8.03 13.32 4.91
C1B NAD D . -6.20 13.40 3.42
N9A NAD D . -5.80 12.02 3.13
C8A NAD D . -4.71 11.35 3.54
N7A NAD D . -4.74 10.09 3.08
C5A NAD D . -5.88 9.97 2.33
C6A NAD D . -6.47 8.95 1.60
N6A NAD D . -5.86 7.71 1.53
N1A NAD D . -7.64 9.17 0.97
C2A NAD D . -8.26 10.36 1.02
N3A NAD D . -7.71 11.36 1.73
C4A NAD D . -6.54 11.19 2.36
O3 NAD D . -1.45 16.42 6.29
CA CA E . -16.78 8.52 18.53
CL CL F . -12.46 12.16 8.08
C ACT G . 4.60 5.65 13.71
O ACT G . 4.40 5.57 14.94
OXT ACT G . 3.59 5.73 12.98
CH3 ACT G . 5.99 5.63 13.13
C ACT H . 10.42 18.99 -4.04
O ACT H . 10.05 18.63 -2.90
OXT ACT H . 11.18 18.20 -4.66
CH3 ACT H . 9.97 20.29 -4.64
C ACT I . -18.27 -0.65 -1.78
O ACT I . -18.80 -1.01 -0.69
OXT ACT I . -17.26 -1.28 -2.12
CH3 ACT I . -18.82 0.48 -2.59
MG MG J . -0.33 -0.24 -0.13
N1 FAD K . -6.12 11.08 -1.34
C2 FAD K . -6.58 10.00 -1.94
O2 FAD K . -7.82 10.05 -2.59
N3 FAD K . -5.92 8.85 -2.00
C4 FAD K . -4.72 8.75 -1.39
O4 FAD K . -4.01 7.56 -1.45
C4X FAD K . -4.19 9.87 -0.70
N5 FAD K . -2.98 9.76 -0.06
C5X FAD K . -2.47 10.85 0.57
C6 FAD K . -1.21 10.75 1.20
C7 FAD K . -0.70 11.86 1.88
C7M FAD K . 0.68 11.78 2.58
C8 FAD K . -1.41 13.07 1.90
C8M FAD K . -0.82 14.27 2.62
C9 FAD K . -2.65 13.18 1.26
C9A FAD K . -3.20 12.06 0.58
N10 FAD K . -4.42 12.16 -0.05
C10 FAD K . -4.91 11.06 -0.69
C1' FAD K . -5.21 13.40 -0.05
C2' FAD K . -5.03 14.24 -1.29
O2' FAD K . -3.64 14.34 -1.57
C3' FAD K . -5.53 15.65 -0.99
O3' FAD K . -4.93 16.10 0.21
C4' FAD K . -7.00 15.67 -0.76
O4' FAD K . -7.61 14.84 -1.71
C5' FAD K . -7.58 17.11 -0.79
O5' FAD K . -7.64 17.69 -2.11
P FAD K . -8.26 16.88 -3.39
O1P FAD K . -8.90 17.84 -4.39
O2P FAD K . -9.32 15.92 -2.89
O3P FAD K . -7.15 16.13 -4.08
PA NAD L . 11.82 -8.77 -3.52
O1A NAD L . 11.09 -10.02 -3.03
O2A NAD L . 13.05 -8.58 -2.65
O5B NAD L . 10.85 -7.53 -3.30
C5B NAD L . 10.75 -6.48 -4.19
C4B NAD L . 9.39 -6.02 -4.54
O4B NAD L . 8.79 -6.96 -5.37
C3B NAD L . 8.54 -5.92 -3.34
O3B NAD L . 7.68 -4.82 -3.50
C2B NAD L . 7.75 -7.15 -3.35
O2B NAD L . 6.58 -7.00 -2.65
C1B NAD L . 7.53 -7.35 -4.77
N9A NAD L . 7.23 -8.72 -5.18
C8A NAD L . 8.01 -9.82 -5.05
N7A NAD L . 7.38 -10.88 -5.55
C5A NAD L . 6.19 -10.46 -6.02
C6A NAD L . 5.10 -11.08 -6.63
N6A NAD L . 5.14 -12.44 -6.90
N1A NAD L . 4.03 -10.33 -6.98
C2A NAD L . 3.96 -9.01 -6.75
N3A NAD L . 4.99 -8.40 -6.15
C4A NAD L . 6.09 -9.09 -5.79
O3 NAD L . 12.28 -8.92 -5.02
PA NAD M . 12.50 -12.97 0.09
O1A NAD M . 13.58 -12.58 -0.91
O2A NAD M . 12.76 -14.37 0.62
O5B NAD M . 11.08 -12.93 -0.59
C5B NAD M . 10.23 -14.00 -0.35
C4B NAD M . 9.14 -14.24 -1.27
O4B NAD M . 8.19 -13.25 -1.05
C3B NAD M . 9.56 -14.10 -2.68
O3B NAD M . 9.31 -15.33 -3.29
C2B NAD M . 8.70 -13.07 -3.25
O2B NAD M . 8.28 -13.40 -4.53
C1B NAD M . 7.56 -13.05 -2.33
N9A NAD M . 6.76 -11.82 -2.32
C8A NAD M . 7.08 -10.61 -1.82
N7A NAD M . 6.06 -9.76 -2.02
C5A NAD M . 5.07 -10.43 -2.67
C6A NAD M . 3.80 -10.13 -3.15
N6A NAD M . 3.26 -8.84 -3.04
N1A NAD M . 3.08 -11.10 -3.76
C2A NAD M . 3.54 -12.34 -3.91
N3A NAD M . 4.77 -12.66 -3.47
C4A NAD M . 5.53 -11.74 -2.84
O3 NAD M . 12.50 -11.94 1.30
CA CA N . 14.91 -9.43 -19.58
CA CA O . 2.90 4.66 16.83
CL CL P . 9.10 -13.61 -10.13
C ACT Q . -6.55 -7.33 20.20
O ACT Q . -5.54 -7.67 20.86
OXT ACT Q . -6.33 -6.81 19.09
CH3 ACT Q . -7.95 -7.51 20.72
N1 FAD R . 2.50 -12.64 -0.84
C2 FAD R . 1.34 -12.18 -1.28
O2 FAD R . 0.51 -13.04 -1.99
N3 FAD R . 0.91 -10.94 -1.08
C4 FAD R . 1.69 -10.08 -0.40
O4 FAD R . 1.23 -8.79 -0.19
C4X FAD R . 2.96 -10.52 0.08
N5 FAD R . 3.78 -9.66 0.76
C5X FAD R . 4.97 -10.12 1.24
C6 FAD R . 5.80 -9.22 1.95
C7 FAD R . 7.04 -9.66 2.43
C7M FAD R . 7.95 -8.70 3.22
C8 FAD R . 7.44 -10.99 2.21
C8M FAD R . 8.78 -11.46 2.73
C9 FAD R . 6.62 -11.90 1.51
C9A FAD R . 5.36 -11.45 1.01
N10 FAD R . 4.55 -12.32 0.32
C10 FAD R . 3.35 -11.83 -0.14
C1' FAD R . 4.95 -13.70 0.08
C2' FAD R . 4.35 -14.68 1.07
O2' FAD R . 4.44 -14.17 2.39
C3' FAD R . 5.13 -15.99 0.98
O3' FAD R . 6.51 -15.76 1.06
C4' FAD R . 4.97 -16.66 -0.35
O4' FAD R . 3.74 -16.32 -0.92
C5' FAD R . 5.24 -18.19 -0.29
O5' FAD R . 4.17 -18.96 0.27
P FAD R . 2.62 -18.70 -0.19
O1P FAD R . 2.60 -18.52 -1.70
O2P FAD R . 2.12 -17.44 0.48
O3P FAD R . 1.71 -19.84 0.20
#